data_9MSV
#
_entry.id   9MSV
#
_cell.length_a   73.915
_cell.length_b   73.915
_cell.length_c   108.003
_cell.angle_alpha   90.000
_cell.angle_beta   90.000
_cell.angle_gamma   90.000
#
_symmetry.space_group_name_H-M   'P 43 2 2'
#
loop_
_entity.id
_entity.type
_entity.pdbx_description
1 polymer 'Heat shock protein 90 homolog'
2 non-polymer 2-amino-4-[2,4-dichloro-5-(2-pyrrolidin-1-ylethoxy)phenyl]-N-ethylthieno[2,3-d]pyrimidine-6-carboxamide
3 water water
#
_entity_poly.entity_id   1
_entity_poly.type   'polypeptide(L)'
_entity_poly.pdbx_seq_one_letter_code
;MADAKVETHEFTAEISQLMSLIINTVYSNKEIFLRELISNASDALDKIRYQALSDPSQLESEPELFIRIIPQKDQKVLEI
RDSGIGMTKADLVNNLGTIAKSGTKSFMEALSAGADVSMIGQFGVGFYSLFLVADHVQVISKHNDDEQYVWESNAGGKFT
VTLDETNERLGRGTMLRLFLKEDQLEYLEEKRIKEVVKKHSEFVAYPIQLVVTKEVEKNLYFQSGSHHHHHH
;
_entity_poly.pdbx_strand_id   A
#
loop_
_chem_comp.id
_chem_comp.type
_chem_comp.name
_chem_comp.formula
2KL non-polymer 2-amino-4-[2,4-dichloro-5-(2-pyrrolidin-1-ylethoxy)phenyl]-N-ethylthieno[2,3-d]pyrimidine-6-carboxamide 'C21 H23 Cl2 N5 O2 S'
#
# COMPACT_ATOMS: atom_id res chain seq x y z
N LYS A 5 -4.90 19.03 11.86
CA LYS A 5 -6.29 18.64 12.09
C LYS A 5 -6.53 17.11 11.99
N VAL A 6 -6.30 16.40 13.09
CA VAL A 6 -6.26 14.94 13.11
C VAL A 6 -7.62 14.38 13.49
N GLU A 7 -8.22 13.59 12.59
CA GLU A 7 -9.45 12.87 12.88
C GLU A 7 -9.12 11.43 13.26
N THR A 8 -9.67 10.97 14.38
CA THR A 8 -9.55 9.58 14.78
C THR A 8 -10.82 8.82 14.42
N HIS A 9 -10.64 7.56 13.99
CA HIS A 9 -11.74 6.69 13.63
C HIS A 9 -11.41 5.29 14.15
N GLU A 10 -12.43 4.45 14.27
CA GLU A 10 -12.25 3.09 14.74
C GLU A 10 -12.35 2.12 13.58
N PHE A 11 -11.50 1.09 13.60
CA PHE A 11 -11.56 0.05 12.57
C PHE A 11 -12.80 -0.82 12.77
N THR A 12 -13.45 -1.20 11.68
CA THR A 12 -14.37 -2.34 11.75
C THR A 12 -13.68 -3.50 12.45
N ALA A 13 -14.36 -4.08 13.47
CA ALA A 13 -13.73 -5.07 14.35
C ALA A 13 -13.02 -6.17 13.57
N GLU A 14 -13.64 -6.66 12.50
CA GLU A 14 -13.03 -7.75 11.74
C GLU A 14 -11.72 -7.32 11.12
N ILE A 15 -11.59 -6.03 10.76
CA ILE A 15 -10.34 -5.60 10.13
C ILE A 15 -9.23 -5.51 11.17
N SER A 16 -9.54 -4.98 12.35
CA SER A 16 -8.61 -5.03 13.48
C SER A 16 -8.14 -6.45 13.77
N GLN A 17 -9.07 -7.42 13.73
CA GLN A 17 -8.72 -8.82 14.00
C GLN A 17 -7.71 -9.33 12.99
N LEU A 18 -7.97 -9.04 11.72
CA LEU A 18 -7.07 -9.46 10.66
C LEU A 18 -5.67 -8.86 10.83
N MET A 19 -5.59 -7.57 11.17
CA MET A 19 -4.28 -6.95 11.30
C MET A 19 -3.45 -7.62 12.38
N SER A 20 -4.09 -7.95 13.50
CA SER A 20 -3.37 -8.59 14.61
C SER A 20 -2.91 -9.97 14.21
N LEU A 21 -3.78 -10.70 13.52
CA LEU A 21 -3.40 -12.01 13.00
C LEU A 21 -2.15 -11.90 12.12
N ILE A 22 -2.15 -10.94 11.20
CA ILE A 22 -1.06 -10.88 10.23
C ILE A 22 0.20 -10.36 10.88
N ILE A 23 0.08 -9.35 11.75
CA ILE A 23 1.28 -8.76 12.30
C ILE A 23 1.99 -9.74 13.23
N ASN A 24 1.29 -10.78 13.69
CA ASN A 24 1.86 -11.76 14.61
C ASN A 24 2.18 -13.09 13.95
N THR A 25 1.70 -13.33 12.74
CA THR A 25 2.00 -14.61 12.10
C THR A 25 3.51 -14.79 11.87
N VAL A 26 3.97 -16.05 11.92
CA VAL A 26 5.38 -16.34 11.71
C VAL A 26 5.67 -16.90 10.32
N TYR A 27 4.68 -16.88 9.44
CA TYR A 27 4.87 -17.17 8.02
C TYR A 27 6.23 -16.83 7.42
N SER A 28 6.69 -17.67 6.49
CA SER A 28 8.09 -17.68 6.04
C SER A 28 8.31 -17.08 4.66
N ASN A 29 7.27 -16.65 3.98
CA ASN A 29 7.41 -16.13 2.63
C ASN A 29 6.84 -14.71 2.59
N LYS A 30 7.32 -13.87 3.51
CA LYS A 30 6.79 -12.53 3.68
C LYS A 30 6.96 -11.67 2.46
N GLU A 31 7.83 -12.06 1.53
CA GLU A 31 8.11 -11.20 0.38
C GLU A 31 6.88 -10.99 -0.46
N ILE A 32 5.85 -11.83 -0.30
CA ILE A 32 4.66 -11.67 -1.11
C ILE A 32 3.88 -10.39 -0.81
N PHE A 33 4.20 -9.69 0.29
CA PHE A 33 3.54 -8.41 0.51
C PHE A 33 3.73 -7.47 -0.68
N LEU A 34 4.92 -7.50 -1.29
CA LEU A 34 5.22 -6.53 -2.34
C LEU A 34 4.38 -6.79 -3.58
N ARG A 35 4.20 -8.07 -3.94
CA ARG A 35 3.29 -8.39 -5.03
C ARG A 35 1.90 -7.83 -4.79
N GLU A 36 1.41 -7.95 -3.55
CA GLU A 36 0.05 -7.51 -3.27
C GLU A 36 -0.10 -6.00 -3.40
N LEU A 37 0.91 -5.24 -2.96
CA LEU A 37 0.81 -3.78 -3.03
C LEU A 37 0.96 -3.29 -4.46
N ILE A 38 1.86 -3.91 -5.22
CA ILE A 38 2.03 -3.62 -6.62
C ILE A 38 0.75 -3.95 -7.38
N SER A 39 0.09 -5.04 -7.00
CA SER A 39 -1.17 -5.37 -7.62
C SER A 39 -2.24 -4.33 -7.31
N ASN A 40 -2.31 -3.84 -6.07
CA ASN A 40 -3.24 -2.77 -5.75
C ASN A 40 -2.89 -1.52 -6.54
N ALA A 41 -1.61 -1.27 -6.75
CA ALA A 41 -1.22 -0.07 -7.48
C ALA A 41 -1.61 -0.20 -8.95
N SER A 42 -1.35 -1.36 -9.55
CA SER A 42 -1.76 -1.62 -10.92
C SER A 42 -3.26 -1.42 -11.10
N ASP A 43 -4.06 -1.97 -10.18
CA ASP A 43 -5.51 -1.79 -10.26
C ASP A 43 -5.91 -0.32 -10.18
N ALA A 44 -5.25 0.46 -9.32
CA ALA A 44 -5.59 1.87 -9.23
C ALA A 44 -5.18 2.61 -10.50
N LEU A 45 -4.09 2.19 -11.11
CA LEU A 45 -3.72 2.77 -12.38
C LEU A 45 -4.71 2.36 -13.49
N ASP A 46 -5.21 1.13 -13.45
CA ASP A 46 -6.22 0.71 -14.41
C ASP A 46 -7.42 1.66 -14.35
N LYS A 47 -7.74 2.16 -13.17
CA LYS A 47 -8.96 2.95 -13.01
C LYS A 47 -8.80 4.34 -13.57
N ILE A 48 -7.64 4.96 -13.37
CA ILE A 48 -7.44 6.28 -13.95
C ILE A 48 -7.30 6.14 -15.46
N ARG A 49 -6.72 5.06 -15.93
CA ARG A 49 -6.62 4.87 -17.37
C ARG A 49 -8.01 4.68 -17.97
N TYR A 50 -8.89 3.96 -17.29
CA TYR A 50 -10.27 3.83 -17.75
C TYR A 50 -10.92 5.19 -17.90
N GLN A 51 -10.83 6.04 -16.87
CA GLN A 51 -11.45 7.35 -16.96
C GLN A 51 -10.81 8.17 -18.05
N ALA A 52 -9.49 8.05 -18.21
CA ALA A 52 -8.80 8.84 -19.22
C ALA A 52 -9.22 8.47 -20.63
N LEU A 53 -9.69 7.24 -20.86
CA LEU A 53 -10.18 6.86 -22.19
C LEU A 53 -11.38 7.73 -22.60
N SER A 54 -12.31 7.98 -21.67
CA SER A 54 -13.38 8.93 -21.92
C SER A 54 -12.86 10.37 -21.88
N ASP A 55 -12.13 10.71 -20.82
CA ASP A 55 -11.73 12.08 -20.52
C ASP A 55 -10.22 12.17 -20.34
N PRO A 56 -9.48 12.43 -21.42
CA PRO A 56 -8.01 12.47 -21.30
C PRO A 56 -7.49 13.51 -20.34
N SER A 57 -8.28 14.53 -20.02
CA SER A 57 -7.79 15.56 -19.12
C SER A 57 -7.55 15.02 -17.71
N GLN A 58 -8.08 13.84 -17.36
CA GLN A 58 -7.95 13.33 -16.01
C GLN A 58 -6.49 13.02 -15.68
N LEU A 59 -5.67 12.76 -16.67
CA LEU A 59 -4.27 12.46 -16.49
C LEU A 59 -3.44 13.69 -16.22
N GLU A 60 -3.96 14.91 -16.44
CA GLU A 60 -3.12 16.10 -16.41
C GLU A 60 -2.50 16.36 -15.04
N SER A 61 -3.16 15.93 -13.96
CA SER A 61 -2.61 16.09 -12.60
C SER A 61 -1.30 15.31 -12.37
N GLU A 62 -1.00 14.29 -13.19
CA GLU A 62 0.21 13.49 -13.11
CA GLU A 62 0.24 13.53 -13.13
C GLU A 62 0.28 12.66 -14.38
N PRO A 63 0.84 13.18 -15.47
CA PRO A 63 0.70 12.49 -16.76
C PRO A 63 1.44 11.17 -16.89
N GLU A 64 2.48 10.91 -16.13
CA GLU A 64 3.16 9.61 -16.21
C GLU A 64 2.40 8.61 -15.35
N LEU A 65 2.19 7.42 -15.90
CA LEU A 65 1.55 6.31 -15.21
C LEU A 65 2.64 5.36 -14.73
N PHE A 66 2.80 5.24 -13.40
CA PHE A 66 3.94 4.47 -12.91
C PHE A 66 3.68 3.88 -11.53
N ILE A 67 4.49 2.88 -11.20
CA ILE A 67 4.65 2.35 -9.85
C ILE A 67 6.10 2.57 -9.46
N ARG A 68 6.34 3.15 -8.27
CA ARG A 68 7.70 3.54 -7.88
C ARG A 68 7.97 3.08 -6.46
N ILE A 69 9.09 2.39 -6.28
CA ILE A 69 9.49 1.84 -4.99
C ILE A 69 10.69 2.65 -4.52
N ILE A 70 10.56 3.24 -3.33
CA ILE A 70 11.56 4.19 -2.81
C ILE A 70 12.04 3.76 -1.43
N PRO A 71 13.17 3.09 -1.31
CA PRO A 71 13.64 2.76 0.04
C PRO A 71 14.15 4.02 0.73
N GLN A 72 13.82 4.15 2.01
CA GLN A 72 14.34 5.25 2.83
CA GLN A 72 14.32 5.24 2.84
C GLN A 72 15.12 4.62 3.98
N LYS A 73 16.37 4.25 3.70
CA LYS A 73 17.15 3.52 4.70
C LYS A 73 17.31 4.30 6.00
N ASP A 74 17.55 5.61 5.90
CA ASP A 74 17.66 6.49 7.07
C ASP A 74 16.51 6.31 8.05
N GLN A 75 15.31 6.11 7.54
CA GLN A 75 14.11 6.04 8.35
CA GLN A 75 14.12 6.04 8.39
C GLN A 75 13.63 4.62 8.59
N LYS A 76 14.31 3.63 8.02
CA LYS A 76 13.83 2.24 8.01
C LYS A 76 12.40 2.20 7.48
N VAL A 77 12.20 2.89 6.36
CA VAL A 77 10.90 2.98 5.69
C VAL A 77 11.06 2.52 4.25
N LEU A 78 10.07 1.78 3.76
CA LEU A 78 9.92 1.47 2.35
C LEU A 78 8.65 2.12 1.83
N GLU A 79 8.77 2.96 0.80
CA GLU A 79 7.59 3.61 0.20
C GLU A 79 7.25 2.94 -1.13
N ILE A 80 5.94 2.76 -1.37
CA ILE A 80 5.42 2.25 -2.64
C ILE A 80 4.42 3.29 -3.16
N ARG A 81 4.79 3.96 -4.24
CA ARG A 81 3.99 5.04 -4.78
C ARG A 81 3.45 4.67 -6.17
N ASP A 82 2.23 5.09 -6.44
CA ASP A 82 1.68 4.96 -7.78
C ASP A 82 1.02 6.28 -8.16
N SER A 83 0.81 6.45 -9.47
CA SER A 83 0.06 7.55 -10.02
C SER A 83 -1.34 7.12 -10.45
N GLY A 84 -1.96 6.21 -9.69
CA GLY A 84 -3.28 5.71 -10.00
C GLY A 84 -4.36 6.71 -9.66
N ILE A 85 -5.59 6.20 -9.59
CA ILE A 85 -6.73 7.07 -9.40
C ILE A 85 -6.69 7.75 -8.05
N GLY A 86 -6.10 7.13 -7.07
CA GLY A 86 -6.06 7.76 -5.76
C GLY A 86 -7.35 7.58 -4.99
N MET A 87 -7.40 8.26 -3.85
CA MET A 87 -8.51 8.16 -2.89
C MET A 87 -8.79 9.52 -2.29
N THR A 88 -10.07 9.88 -2.21
CA THR A 88 -10.50 11.04 -1.46
C THR A 88 -10.42 10.78 0.05
N LYS A 89 -10.65 11.85 0.82
CA LYS A 89 -10.71 11.70 2.27
C LYS A 89 -11.76 10.68 2.70
N ALA A 90 -12.96 10.77 2.13
CA ALA A 90 -14.01 9.82 2.46
C ALA A 90 -13.62 8.40 2.06
N ASP A 91 -12.98 8.26 0.90
CA ASP A 91 -12.51 6.94 0.50
C ASP A 91 -11.58 6.36 1.57
N LEU A 92 -10.65 7.18 2.08
CA LEU A 92 -9.66 6.67 3.00
C LEU A 92 -10.32 6.12 4.26
N VAL A 93 -11.26 6.88 4.82
CA VAL A 93 -12.03 6.38 5.96
C VAL A 93 -12.77 5.09 5.61
N ASN A 94 -13.39 5.07 4.42
CA ASN A 94 -14.28 3.98 4.04
C ASN A 94 -13.51 2.74 3.59
N ASN A 95 -12.80 2.83 2.45
CA ASN A 95 -12.07 1.67 1.92
C ASN A 95 -11.19 1.01 2.97
N LEU A 96 -10.56 1.83 3.81
CA LEU A 96 -9.59 1.37 4.79
C LEU A 96 -10.25 1.42 6.16
N GLY A 97 -10.36 0.26 6.80
CA GLY A 97 -10.99 0.23 8.09
C GLY A 97 -12.50 0.24 8.10
N THR A 98 -13.15 -0.03 6.97
CA THR A 98 -14.58 -0.27 7.00
C THR A 98 -15.00 -1.29 5.95
N ILE A 99 -15.01 -0.88 4.67
CA ILE A 99 -15.28 -1.77 3.54
C ILE A 99 -14.30 -2.94 3.65
N ALA A 100 -14.60 -4.03 2.96
CA ALA A 100 -13.75 -5.20 2.96
C ALA A 100 -13.92 -5.98 4.25
N LYS A 101 -14.90 -5.62 5.09
CA LYS A 101 -15.30 -6.54 6.16
C LYS A 101 -15.54 -7.94 5.59
N SER A 102 -16.23 -8.03 4.45
CA SER A 102 -16.61 -9.35 3.93
C SER A 102 -15.37 -10.16 3.58
N GLY A 103 -14.41 -9.53 2.89
CA GLY A 103 -13.21 -10.24 2.51
C GLY A 103 -12.39 -10.66 3.70
N THR A 104 -12.28 -9.80 4.72
CA THR A 104 -11.48 -10.15 5.88
CA THR A 104 -11.48 -10.15 5.88
C THR A 104 -12.06 -11.38 6.58
N LYS A 105 -13.38 -11.41 6.75
CA LYS A 105 -14.03 -12.54 7.40
C LYS A 105 -13.77 -13.84 6.64
N SER A 106 -13.97 -13.83 5.31
CA SER A 106 -13.78 -15.06 4.55
C SER A 106 -12.32 -15.51 4.60
N PHE A 107 -11.40 -14.57 4.52
CA PHE A 107 -10.00 -14.92 4.53
C PHE A 107 -9.63 -15.59 5.84
N MET A 108 -10.17 -15.12 6.95
CA MET A 108 -9.83 -15.68 8.24
C MET A 108 -10.35 -17.10 8.38
N GLU A 109 -11.57 -17.36 7.89
CA GLU A 109 -12.06 -18.72 7.81
C GLU A 109 -11.16 -19.60 6.97
N ALA A 110 -10.68 -19.08 5.85
CA ALA A 110 -9.81 -19.90 5.01
C ALA A 110 -8.52 -20.21 5.75
N LEU A 111 -7.97 -19.21 6.44
CA LEU A 111 -6.72 -19.43 7.18
C LEU A 111 -6.87 -20.56 8.20
N SER A 112 -8.01 -20.59 8.91
CA SER A 112 -8.24 -21.65 9.88
C SER A 112 -8.25 -23.02 9.19
N ALA A 113 -8.80 -23.09 7.99
CA ALA A 113 -8.82 -24.38 7.30
C ALA A 113 -7.47 -24.76 6.72
N GLY A 114 -6.47 -23.88 6.77
CA GLY A 114 -5.17 -24.24 6.27
C GLY A 114 -4.65 -23.42 5.11
N ALA A 115 -5.37 -22.36 4.73
CA ALA A 115 -4.99 -21.60 3.54
C ALA A 115 -3.61 -20.97 3.70
N ASP A 116 -2.90 -20.88 2.59
CA ASP A 116 -1.63 -20.15 2.59
C ASP A 116 -1.89 -18.66 2.74
N VAL A 117 -1.15 -17.99 3.62
CA VAL A 117 -1.28 -16.54 3.74
C VAL A 117 -1.14 -15.88 2.38
N SER A 118 -0.39 -16.52 1.49
CA SER A 118 -0.17 -15.97 0.17
C SER A 118 -1.43 -15.91 -0.69
N MET A 119 -2.56 -16.50 -0.29
CA MET A 119 -3.76 -16.34 -1.10
C MET A 119 -4.67 -15.20 -0.59
N ILE A 120 -4.12 -14.34 0.28
CA ILE A 120 -4.83 -13.18 0.82
C ILE A 120 -5.42 -12.32 -0.31
N GLY A 121 -4.71 -12.16 -1.42
CA GLY A 121 -5.20 -11.32 -2.49
C GLY A 121 -6.50 -11.81 -3.09
N GLN A 122 -6.75 -13.10 -3.00
CA GLN A 122 -7.98 -13.67 -3.57
C GLN A 122 -9.20 -13.28 -2.78
N PHE A 123 -9.05 -12.84 -1.55
CA PHE A 123 -10.15 -12.32 -0.77
C PHE A 123 -10.20 -10.80 -0.81
N GLY A 124 -9.37 -10.18 -1.64
CA GLY A 124 -9.44 -8.72 -1.80
C GLY A 124 -8.87 -7.92 -0.66
N VAL A 125 -8.09 -8.51 0.23
CA VAL A 125 -7.55 -7.79 1.36
C VAL A 125 -6.03 -7.90 1.44
N GLY A 126 -5.39 -7.99 0.29
CA GLY A 126 -3.95 -8.13 0.26
C GLY A 126 -3.19 -6.93 0.78
N PHE A 127 -3.85 -5.77 0.80
CA PHE A 127 -3.25 -4.59 1.42
C PHE A 127 -2.70 -4.93 2.78
N TYR A 128 -3.45 -5.72 3.55
CA TYR A 128 -3.07 -5.94 4.94
C TYR A 128 -1.90 -6.91 5.06
N SER A 129 -1.47 -7.52 3.97
CA SER A 129 -0.24 -8.29 3.97
C SER A 129 0.95 -7.42 4.31
N LEU A 130 0.84 -6.10 4.25
CA LEU A 130 2.00 -5.28 4.57
C LEU A 130 2.43 -5.48 6.01
N PHE A 131 1.49 -5.88 6.90
CA PHE A 131 1.87 -6.07 8.29
C PHE A 131 2.74 -7.31 8.50
N LEU A 132 2.92 -8.13 7.46
CA LEU A 132 3.95 -9.16 7.56
C LEU A 132 5.33 -8.55 7.79
N VAL A 133 5.59 -7.38 7.22
CA VAL A 133 6.93 -6.80 7.26
C VAL A 133 6.98 -5.45 7.93
N ALA A 134 5.85 -4.84 8.25
CA ALA A 134 5.82 -3.51 8.82
C ALA A 134 4.93 -3.54 10.04
N ASP A 135 5.30 -2.77 11.03
CA ASP A 135 4.44 -2.67 12.22
C ASP A 135 3.62 -1.39 12.23
N HIS A 136 3.75 -0.55 11.19
CA HIS A 136 3.15 0.77 11.19
C HIS A 136 3.10 1.23 9.74
N VAL A 137 2.00 1.86 9.32
CA VAL A 137 1.88 2.30 7.93
C VAL A 137 1.17 3.63 7.80
N GLN A 138 1.63 4.44 6.85
CA GLN A 138 0.94 5.65 6.46
C GLN A 138 0.51 5.49 5.01
N VAL A 139 -0.70 5.86 4.75
CA VAL A 139 -1.23 5.81 3.40
C VAL A 139 -1.51 7.25 3.01
N ILE A 140 -0.76 7.75 2.03
CA ILE A 140 -0.87 9.12 1.53
C ILE A 140 -1.58 9.04 0.17
N SER A 141 -2.60 9.86 -0.03
CA SER A 141 -3.34 9.69 -1.26
C SER A 141 -3.93 11.01 -1.77
N LYS A 142 -3.99 11.12 -3.10
CA LYS A 142 -4.46 12.34 -3.76
C LYS A 142 -5.32 11.95 -4.94
N HIS A 143 -6.61 12.27 -4.88
CA HIS A 143 -7.58 11.98 -5.94
C HIS A 143 -7.89 13.27 -6.71
N ASN A 144 -8.01 13.18 -8.04
CA ASN A 144 -8.38 14.38 -8.79
C ASN A 144 -9.59 15.02 -8.10
N ASP A 145 -9.58 16.34 -7.98
CA ASP A 145 -10.70 17.07 -7.39
C ASP A 145 -10.86 16.83 -5.89
N ASP A 146 -9.80 16.43 -5.19
CA ASP A 146 -9.78 16.52 -3.73
C ASP A 146 -8.34 16.81 -3.30
N GLU A 147 -8.19 17.15 -2.01
CA GLU A 147 -6.88 17.46 -1.44
C GLU A 147 -6.10 16.17 -1.13
N GLN A 148 -4.83 16.34 -0.78
CA GLN A 148 -3.96 15.22 -0.40
C GLN A 148 -4.11 14.97 1.09
N TYR A 149 -4.32 13.70 1.47
CA TYR A 149 -4.50 13.30 2.85
C TYR A 149 -3.60 12.14 3.26
N VAL A 150 -3.41 11.99 4.57
CA VAL A 150 -2.61 10.91 5.17
C VAL A 150 -3.48 10.13 6.12
N TRP A 151 -3.59 8.82 5.87
CA TRP A 151 -4.24 7.85 6.75
C TRP A 151 -3.15 7.09 7.48
N GLU A 152 -3.31 6.89 8.78
CA GLU A 152 -2.26 6.25 9.56
C GLU A 152 -2.77 5.23 10.56
N SER A 153 -2.08 4.07 10.61
CA SER A 153 -2.43 2.96 11.49
C SER A 153 -1.21 2.22 12.02
N ASN A 154 -1.32 1.70 13.25
CA ASN A 154 -0.28 0.91 13.89
C ASN A 154 -0.73 -0.51 14.22
N ALA A 155 -1.68 -1.04 13.44
CA ALA A 155 -2.23 -2.38 13.58
C ALA A 155 -3.09 -2.56 14.83
N GLY A 156 -3.39 -1.49 15.55
CA GLY A 156 -4.35 -1.55 16.65
C GLY A 156 -5.79 -1.48 16.17
N GLY A 157 -6.59 -0.66 16.85
CA GLY A 157 -7.99 -0.53 16.49
C GLY A 157 -8.40 0.85 16.00
N LYS A 158 -7.50 1.83 16.10
CA LYS A 158 -7.77 3.21 15.73
C LYS A 158 -6.91 3.62 14.53
N PHE A 159 -7.45 4.48 13.69
CA PHE A 159 -6.66 5.09 12.62
C PHE A 159 -6.99 6.57 12.58
N THR A 160 -6.08 7.35 11.97
CA THR A 160 -6.31 8.78 11.79
C THR A 160 -6.27 9.16 10.32
N VAL A 161 -6.96 10.23 9.99
CA VAL A 161 -6.90 10.81 8.68
C VAL A 161 -6.63 12.29 8.87
N THR A 162 -5.65 12.83 8.14
CA THR A 162 -5.24 14.22 8.29
C THR A 162 -4.96 14.85 6.95
N LEU A 163 -5.32 16.12 6.78
CA LEU A 163 -4.86 16.87 5.63
C LEU A 163 -3.33 16.83 5.62
N ASP A 164 -2.77 16.57 4.43
CA ASP A 164 -1.34 16.28 4.35
C ASP A 164 -0.60 17.58 4.16
N GLU A 165 0.11 18.02 5.19
CA GLU A 165 0.90 19.24 5.14
C GLU A 165 2.39 18.96 5.36
N THR A 166 2.81 17.70 5.23
CA THR A 166 4.19 17.34 5.52
C THR A 166 4.88 16.45 4.48
N ASN A 167 4.16 15.89 3.51
CA ASN A 167 4.79 15.00 2.54
C ASN A 167 4.91 15.65 1.16
N GLU A 168 5.80 15.10 0.33
CA GLU A 168 5.87 15.57 -1.04
C GLU A 168 4.49 15.44 -1.68
N ARG A 169 4.20 16.32 -2.62
CA ARG A 169 2.95 16.26 -3.35
C ARG A 169 2.95 15.08 -4.32
N LEU A 170 1.86 14.34 -4.35
CA LEU A 170 1.80 13.18 -5.24
C LEU A 170 1.36 13.53 -6.64
N GLY A 171 0.65 14.64 -6.79
CA GLY A 171 0.12 15.02 -8.09
C GLY A 171 -1.22 14.32 -8.24
N ARG A 172 -1.15 12.99 -8.36
CA ARG A 172 -2.31 12.10 -8.31
C ARG A 172 -1.78 10.72 -7.93
N GLY A 173 -2.46 10.06 -7.00
CA GLY A 173 -2.14 8.70 -6.70
C GLY A 173 -2.06 8.42 -5.23
N THR A 174 -1.29 7.39 -4.88
CA THR A 174 -1.20 6.86 -3.53
C THR A 174 0.22 6.44 -3.24
N MET A 175 0.65 6.68 -2.01
CA MET A 175 1.96 6.23 -1.56
C MET A 175 1.80 5.61 -0.19
N LEU A 176 2.17 4.33 -0.10
CA LEU A 176 2.22 3.62 1.16
C LEU A 176 3.62 3.76 1.74
N ARG A 177 3.69 4.13 3.01
CA ARG A 177 4.96 4.34 3.71
CA ARG A 177 4.95 4.34 3.70
C ARG A 177 5.03 3.24 4.75
N LEU A 178 5.83 2.22 4.49
CA LEU A 178 5.91 1.07 5.38
C LEU A 178 7.05 1.26 6.38
N PHE A 179 6.73 1.28 7.67
CA PHE A 179 7.74 1.34 8.75
C PHE A 179 8.15 -0.08 9.08
N LEU A 180 9.26 -0.52 8.49
CA LEU A 180 9.59 -1.93 8.53
C LEU A 180 9.96 -2.38 9.93
N LYS A 181 9.62 -3.64 10.23
CA LYS A 181 10.08 -4.32 11.43
C LYS A 181 11.60 -4.50 11.39
N GLU A 182 12.20 -4.59 12.57
CA GLU A 182 13.67 -4.63 12.64
C GLU A 182 14.26 -5.88 11.98
N ASP A 183 13.51 -6.98 11.89
CA ASP A 183 14.06 -8.17 11.22
C ASP A 183 13.79 -8.19 9.72
N GLN A 184 13.17 -7.14 9.16
CA GLN A 184 12.78 -7.18 7.75
C GLN A 184 13.46 -6.10 6.94
N LEU A 185 14.59 -5.58 7.42
CA LEU A 185 15.25 -4.48 6.73
C LEU A 185 15.82 -4.91 5.39
N GLU A 186 15.83 -6.21 5.09
CA GLU A 186 16.32 -6.64 3.80
C GLU A 186 15.54 -5.98 2.64
N TYR A 187 14.28 -5.61 2.86
CA TYR A 187 13.45 -5.03 1.80
C TYR A 187 13.76 -3.55 1.56
N LEU A 188 14.82 -3.03 2.16
CA LEU A 188 15.38 -1.74 1.78
C LEU A 188 16.48 -1.87 0.74
N GLU A 189 16.87 -3.09 0.39
CA GLU A 189 18.05 -3.33 -0.44
C GLU A 189 17.68 -3.48 -1.90
N GLU A 190 18.40 -2.74 -2.73
CA GLU A 190 18.15 -2.73 -4.16
C GLU A 190 18.11 -4.15 -4.73
N LYS A 191 19.08 -4.99 -4.37
CA LYS A 191 19.15 -6.33 -4.94
C LYS A 191 17.94 -7.17 -4.52
N ARG A 192 17.60 -7.15 -3.23
CA ARG A 192 16.42 -7.89 -2.76
C ARG A 192 15.17 -7.39 -3.46
N ILE A 193 14.97 -6.07 -3.53
CA ILE A 193 13.74 -5.56 -4.12
C ILE A 193 13.62 -6.03 -5.56
N LYS A 194 14.71 -5.95 -6.34
CA LYS A 194 14.67 -6.42 -7.72
C LYS A 194 14.27 -7.90 -7.80
N GLU A 195 14.88 -8.74 -6.97
CA GLU A 195 14.55 -10.17 -6.95
C GLU A 195 13.05 -10.37 -6.83
N VAL A 196 12.46 -9.74 -5.81
CA VAL A 196 11.06 -9.98 -5.50
C VAL A 196 10.18 -9.48 -6.61
N VAL A 197 10.49 -8.31 -7.15
CA VAL A 197 9.70 -7.78 -8.26
C VAL A 197 9.75 -8.72 -9.45
N LYS A 198 10.94 -9.23 -9.77
CA LYS A 198 11.10 -10.06 -10.96
C LYS A 198 10.45 -11.42 -10.81
N LYS A 199 10.43 -11.94 -9.58
CA LYS A 199 9.81 -13.23 -9.33
C LYS A 199 8.30 -13.15 -9.42
N HIS A 200 7.70 -12.13 -8.84
CA HIS A 200 6.27 -12.18 -8.54
C HIS A 200 5.43 -11.17 -9.29
N SER A 201 6.05 -10.28 -10.07
CA SER A 201 5.31 -9.20 -10.70
C SER A 201 5.75 -9.02 -12.15
N GLU A 202 5.94 -10.12 -12.87
CA GLU A 202 6.36 -10.03 -14.27
C GLU A 202 5.29 -9.41 -15.18
N PHE A 203 4.02 -9.62 -14.91
CA PHE A 203 2.96 -9.24 -15.84
C PHE A 203 2.22 -8.03 -15.30
N VAL A 204 2.88 -6.90 -15.36
CA VAL A 204 2.35 -5.64 -14.88
C VAL A 204 2.48 -4.64 -16.01
N ALA A 205 1.39 -3.94 -16.30
CA ALA A 205 1.30 -3.16 -17.50
C ALA A 205 2.00 -1.82 -17.38
N TYR A 206 2.45 -1.46 -16.21
CA TYR A 206 3.05 -0.17 -15.95
C TYR A 206 4.49 -0.36 -15.52
N PRO A 207 5.35 0.61 -15.82
CA PRO A 207 6.73 0.49 -15.39
C PRO A 207 6.80 0.47 -13.88
N ILE A 208 7.66 -0.38 -13.35
CA ILE A 208 7.95 -0.48 -11.93
C ILE A 208 9.32 0.12 -11.72
N GLN A 209 9.35 1.30 -11.14
CA GLN A 209 10.56 2.09 -10.99
C GLN A 209 11.13 1.91 -9.59
N LEU A 210 12.42 1.72 -9.53
CA LEU A 210 13.14 1.58 -8.27
C LEU A 210 14.06 2.79 -8.13
N VAL A 211 13.93 3.49 -7.02
CA VAL A 211 14.73 4.67 -6.72
C VAL A 211 15.90 4.20 -5.87
N VAL A 212 17.10 4.38 -6.37
CA VAL A 212 18.28 3.96 -5.62
C VAL A 212 19.19 5.15 -5.39
N THR A 213 19.77 5.18 -4.20
CA THR A 213 20.65 6.25 -3.76
C THR A 213 22.06 5.70 -3.70
N LYS A 214 22.93 6.17 -4.59
CA LYS A 214 24.31 5.74 -4.64
C LYS A 214 25.25 6.90 -4.34
N GLU A 215 26.34 6.61 -3.65
CA GLU A 215 27.38 7.60 -3.47
C GLU A 215 28.16 7.73 -4.77
N VAL A 216 28.44 8.96 -5.15
CA VAL A 216 29.43 9.21 -6.19
C VAL A 216 30.81 9.02 -5.58
N GLU A 217 31.65 8.22 -6.24
CA GLU A 217 33.03 8.04 -5.77
C GLU A 217 34.00 8.13 -6.95
O13 2KL B . -10.48 2.78 -4.16
C12 2KL B . -9.62 3.36 -4.71
N14 2KL B . -9.91 4.48 -5.59
C15 2KL B . -11.28 4.90 -5.86
C16 2KL B . -11.75 5.45 -4.51
C8 2KL B . -8.19 2.97 -4.48
S7 2KL B . -6.88 3.71 -5.21
C9 2KL B . -7.79 1.94 -3.56
C5 2KL B . -6.27 1.85 -3.58
C6 2KL B . -5.68 2.73 -4.51
N3 2KL B . -4.37 2.74 -4.60
C2 2KL B . -3.62 1.90 -3.86
N11 2KL B . -2.21 1.90 -4.08
N1 2KL B . -4.13 0.99 -3.01
C4 2KL B . -5.46 0.96 -2.85
C10 2KL B . -6.08 0.00 -1.85
C17 2KL B . -6.90 -1.02 -2.23
C21 2KL B . -5.80 0.15 -0.51
CL1 2KL B . -4.73 1.44 0.02
C20 2KL B . -6.32 -0.71 0.45
C19 2KL B . -7.16 -1.73 0.04
CL2 2KL B . -7.89 -2.82 1.24
C18 2KL B . -7.46 -1.88 -1.29
O24 2KL B . -8.32 -2.92 -1.66
C25 2KL B . -8.08 -3.62 -2.83
C26 2KL B . -9.44 -3.97 -3.43
N27 2KL B . -10.16 -4.59 -2.74
C28 2KL B . -11.33 -5.18 -3.66
C31 2KL B . -10.75 -3.90 -1.86
C30 2KL B . -12.17 -4.55 -1.68
C29 2KL B . -12.29 -5.51 -2.80
H14 2KL B . -9.15 4.97 -6.03
H151 2KL B . -11.31 5.66 -6.62
H152 2KL B . -11.89 4.06 -6.16
H161 2KL B . -12.84 5.44 -4.48
H162 2KL B . -11.40 6.48 -4.39
H163 2KL B . -11.36 4.84 -3.71
H9 2KL B . -8.45 1.33 -2.96
H111 2KL B . -1.62 2.60 -3.69
H112 2KL B . -1.82 1.20 -4.69
H17 2KL B . -7.12 -1.16 -3.28
H20 2KL B . -6.08 -0.58 1.50
H251 2KL B . -7.51 -3.00 -3.52
H252 2KL B . -7.53 -4.53 -2.62
H261 2KL B . -9.27 -4.54 -4.34
H262 2KL B . -9.95 -3.04 -3.68
H281 2KL B . -10.98 -6.06 -4.19
H282 2KL B . -11.68 -4.43 -4.35
H311 2KL B . -10.84 -2.87 -2.19
H312 2KL B . -10.19 -3.95 -0.93
H291 2KL B . -12.13 -6.53 -2.45
H292 2KL B . -13.26 -5.42 -3.27
H301 2KL B . -12.95 -3.79 -1.75
H302 2KL B . -12.23 -5.07 -0.72
#